data_6RML
#
_entry.id   6RML
#
_cell.length_a   84.440
_cell.length_b   84.440
_cell.length_c   225.190
_cell.angle_alpha   90.00
_cell.angle_beta   90.00
_cell.angle_gamma   120.00
#
_symmetry.space_group_name_H-M   'P 32 2 1'
#
loop_
_entity.id
_entity.type
_entity.pdbx_description
1 polymer 'DNA topoisomerase 2-binding protein 1'
2 polymer 53BP1
#
loop_
_entity_poly.entity_id
_entity_poly.type
_entity_poly.pdbx_seq_one_letter_code
_entity_poly.pdbx_strand_id
1 'polypeptide(L)'
;GPMSRNDKEPFFVKFLKSSDNSKCFFKALESIKEFQSEEYLQIITEEEALKIKENDRSLYICDPFSGVVFDHLKKLGCRI
VGPQVVIFCMHHQRCVPRAEHPVYNMVMSDVTISCTSLEKEKREEVHKYVQMMGGRVYRDLNVSVTHLIAGEVGSKKYLV
AANLKKPILLPSWIKTLWEKSQEKKITRYTDINMEDFKCPIFLGCIICVTGLCGLDRKEVQQLTVKHGGQYMGQLKMNEC
THLIVQEPKGQKYECAKRWNVHCVTTQWFFDSIEKGFCQDESIYKTEPRPEA
;
B,A
2 'polypeptide(L)' EVEEIPE(TPO)PCESQGE C
#
# COMPACT_ATOMS: atom_id res chain seq x y z
N GLU A 9 -6.19 39.10 -23.75
CA GLU A 9 -5.06 39.74 -24.41
C GLU A 9 -3.86 38.80 -24.55
N PRO A 10 -3.02 39.04 -25.57
CA PRO A 10 -1.89 38.14 -25.82
C PRO A 10 -0.79 38.27 -24.76
N PHE A 11 -0.06 37.17 -24.58
CA PHE A 11 1.04 37.13 -23.63
C PHE A 11 2.09 36.16 -24.16
N PHE A 12 3.35 36.60 -24.14
CA PHE A 12 4.44 35.77 -24.63
C PHE A 12 4.75 34.63 -23.67
N VAL A 13 5.33 33.58 -24.22
CA VAL A 13 5.77 32.41 -23.49
C VAL A 13 7.24 32.23 -23.86
N LYS A 14 8.11 32.66 -22.96
CA LYS A 14 9.54 32.65 -23.20
C LYS A 14 10.17 31.41 -22.57
N PHE A 15 11.13 30.83 -23.27
CA PHE A 15 11.82 29.64 -22.82
C PHE A 15 13.26 30.04 -22.50
N LEU A 16 13.69 29.80 -21.27
CA LEU A 16 15.04 30.19 -20.85
C LEU A 16 16.02 29.11 -21.27
N LYS A 17 16.91 29.45 -22.21
CA LYS A 17 17.93 28.54 -22.69
C LYS A 17 19.19 28.65 -21.84
N SER A 18 19.95 27.56 -21.79
CA SER A 18 21.16 27.51 -20.97
C SER A 18 22.12 26.49 -21.57
N SER A 19 23.27 26.35 -20.92
CA SER A 19 24.27 25.38 -21.36
C SER A 19 23.74 23.95 -21.26
N ASP A 20 23.10 23.63 -20.14
CA ASP A 20 22.62 22.26 -19.86
C ASP A 20 21.12 22.33 -19.56
N ASN A 21 20.32 22.47 -20.61
CA ASN A 21 18.88 22.35 -20.48
C ASN A 21 18.50 20.87 -20.41
N SER A 22 17.43 20.60 -19.66
CA SER A 22 17.00 19.23 -19.41
C SER A 22 16.16 18.69 -20.57
N LYS A 23 15.90 17.40 -20.48
CA LYS A 23 14.99 16.75 -21.43
C LYS A 23 13.58 17.31 -21.33
N CYS A 24 13.13 17.63 -20.11
CA CYS A 24 11.80 18.22 -19.93
C CYS A 24 11.67 19.52 -20.72
N PHE A 25 12.70 20.36 -20.68
CA PHE A 25 12.72 21.62 -21.42
C PHE A 25 12.40 21.40 -22.90
N PHE A 26 13.15 20.53 -23.55
CA PHE A 26 12.97 20.30 -24.98
C PHE A 26 11.63 19.63 -25.28
N LYS A 27 11.18 18.73 -24.39
CA LYS A 27 9.88 18.10 -24.56
C LYS A 27 8.75 19.13 -24.54
N ALA A 28 8.81 20.07 -23.60
CA ALA A 28 7.81 21.13 -23.53
C ALA A 28 7.88 22.03 -24.74
N LEU A 29 9.09 22.32 -25.21
CA LEU A 29 9.23 23.11 -26.42
C LEU A 29 8.54 22.44 -27.60
N GLU A 30 8.71 21.11 -27.72
CA GLU A 30 8.10 20.42 -28.85
C GLU A 30 6.59 20.33 -28.73
N SER A 31 6.08 20.16 -27.50
CA SER A 31 4.63 20.04 -27.38
C SER A 31 3.96 21.39 -27.57
N ILE A 32 4.55 22.45 -27.03
CA ILE A 32 3.94 23.76 -27.23
C ILE A 32 4.06 24.15 -28.71
N LYS A 33 5.11 23.69 -29.39
CA LYS A 33 5.23 23.92 -30.83
C LYS A 33 4.20 23.11 -31.60
N GLU A 34 3.62 22.08 -30.98
CA GLU A 34 2.69 21.23 -31.68
C GLU A 34 1.23 21.53 -31.38
N PHE A 35 0.92 22.22 -30.28
CA PHE A 35 -0.46 22.50 -29.94
C PHE A 35 -0.78 24.00 -29.89
N GLN A 36 0.20 24.87 -30.07
CA GLN A 36 -0.03 26.30 -30.20
C GLN A 36 0.91 26.86 -31.28
N SER A 37 0.50 27.96 -31.91
CA SER A 37 1.36 28.52 -32.93
C SER A 37 2.58 29.20 -32.29
N GLU A 38 3.65 29.29 -33.08
CA GLU A 38 4.90 29.88 -32.62
C GLU A 38 4.93 31.40 -32.65
N GLU A 39 3.76 32.06 -32.73
CA GLU A 39 3.78 33.51 -32.84
C GLU A 39 4.08 34.20 -31.51
N TYR A 40 3.65 33.62 -30.39
CA TYR A 40 3.91 34.21 -29.08
C TYR A 40 4.97 33.43 -28.33
N LEU A 41 5.82 32.71 -29.05
CA LEU A 41 6.83 31.83 -28.50
C LEU A 41 8.22 32.38 -28.79
N GLN A 42 9.00 32.60 -27.74
CA GLN A 42 10.38 33.05 -27.89
C GLN A 42 11.30 32.08 -27.17
N ILE A 43 12.56 32.10 -27.57
CA ILE A 43 13.66 31.46 -26.85
C ILE A 43 14.64 32.55 -26.49
N ILE A 44 14.86 32.75 -25.20
CA ILE A 44 15.70 33.82 -24.69
C ILE A 44 16.92 33.21 -24.01
N THR A 45 18.07 33.86 -24.17
CA THR A 45 19.30 33.41 -23.52
C THR A 45 19.38 33.97 -22.11
N GLU A 46 20.42 33.53 -21.39
CA GLU A 46 20.63 34.01 -20.02
C GLU A 46 20.95 35.50 -20.02
N GLU A 47 21.67 35.96 -21.03
CA GLU A 47 21.97 37.38 -21.18
C GLU A 47 20.68 38.20 -21.23
N GLU A 48 19.81 37.88 -22.20
CA GLU A 48 18.58 38.65 -22.38
C GLU A 48 17.68 38.56 -21.15
N ALA A 49 17.71 37.43 -20.44
CA ALA A 49 16.91 37.29 -19.23
C ALA A 49 17.42 38.17 -18.11
N LEU A 50 18.73 38.17 -17.86
CA LEU A 50 19.30 39.01 -16.81
C LEU A 50 18.96 40.48 -17.02
N LYS A 51 18.93 40.92 -18.28
CA LYS A 51 18.72 42.33 -18.61
C LYS A 51 17.28 42.79 -18.43
N ILE A 52 16.33 41.86 -18.30
CA ILE A 52 14.92 42.25 -18.16
C ILE A 52 14.73 42.97 -16.83
N LYS A 53 14.29 44.22 -16.92
CA LYS A 53 14.19 45.10 -15.76
C LYS A 53 12.86 45.01 -15.02
N GLU A 54 11.84 44.40 -15.64
CA GLU A 54 10.49 44.53 -15.13
C GLU A 54 9.65 43.34 -15.57
N ASN A 55 8.65 43.01 -14.74
CA ASN A 55 7.71 41.94 -15.07
C ASN A 55 6.72 42.47 -16.10
N ASP A 56 6.63 41.78 -17.25
CA ASP A 56 5.75 42.22 -18.34
C ASP A 56 4.59 41.27 -18.60
N ARG A 57 3.98 40.77 -17.52
CA ARG A 57 2.91 39.75 -17.55
C ARG A 57 3.12 38.64 -18.58
N SER A 58 4.36 38.25 -18.83
CA SER A 58 4.67 37.12 -19.69
C SER A 58 4.96 35.88 -18.85
N LEU A 59 5.03 34.73 -19.53
CA LEU A 59 5.22 33.43 -18.89
C LEU A 59 6.59 32.89 -19.24
N TYR A 60 7.40 32.62 -18.22
CA TYR A 60 8.75 32.10 -18.39
C TYR A 60 8.82 30.63 -18.02
N ILE A 61 9.72 29.91 -18.70
CA ILE A 61 9.89 28.47 -18.52
C ILE A 61 11.34 28.27 -18.09
N CYS A 62 11.56 28.01 -16.81
CA CYS A 62 12.88 27.80 -16.25
C CYS A 62 13.09 26.34 -15.86
N ASP A 63 14.34 25.89 -15.97
CA ASP A 63 14.69 24.55 -15.51
C ASP A 63 16.21 24.47 -15.28
N PRO A 64 16.62 24.36 -14.00
CA PRO A 64 15.78 24.20 -12.82
C PRO A 64 15.28 25.49 -12.19
N PHE A 65 14.60 25.38 -11.05
CA PHE A 65 14.15 26.55 -10.29
C PHE A 65 15.25 27.02 -9.34
N SER A 66 16.40 27.36 -9.93
CA SER A 66 17.55 27.79 -9.15
C SER A 66 18.57 28.42 -10.10
N GLY A 67 19.42 29.26 -9.53
CA GLY A 67 20.41 30.00 -10.27
C GLY A 67 20.15 31.49 -10.23
N VAL A 68 21.14 32.24 -10.72
CA VAL A 68 21.06 33.70 -10.72
C VAL A 68 19.85 34.17 -11.52
N VAL A 69 19.56 33.51 -12.64
CA VAL A 69 18.46 33.96 -13.50
C VAL A 69 17.12 33.70 -12.83
N PHE A 70 16.91 32.47 -12.35
CA PHE A 70 15.65 32.16 -11.67
C PHE A 70 15.42 33.09 -10.49
N ASP A 71 16.46 33.29 -9.68
CA ASP A 71 16.36 34.23 -8.55
C ASP A 71 15.99 35.63 -9.03
N HIS A 72 16.63 36.08 -10.11
CA HIS A 72 16.32 37.39 -10.69
C HIS A 72 14.84 37.50 -11.03
N LEU A 73 14.32 36.58 -11.83
CA LEU A 73 12.93 36.68 -12.28
C LEU A 73 11.95 36.49 -11.13
N LYS A 74 12.26 35.59 -10.19
CA LYS A 74 11.43 35.43 -9.01
C LYS A 74 11.34 36.72 -8.21
N LYS A 75 12.48 37.42 -8.07
CA LYS A 75 12.49 38.67 -7.32
C LYS A 75 11.64 39.73 -8.01
N LEU A 76 11.65 39.75 -9.34
CA LEU A 76 10.83 40.71 -10.09
C LEU A 76 9.34 40.40 -10.01
N GLY A 77 8.98 39.20 -9.58
CA GLY A 77 7.58 38.81 -9.49
C GLY A 77 7.04 38.16 -10.74
N CYS A 78 7.91 37.57 -11.56
CA CYS A 78 7.47 37.02 -12.83
C CYS A 78 6.69 35.73 -12.64
N ARG A 79 5.90 35.40 -13.66
CA ARG A 79 5.09 34.19 -13.68
C ARG A 79 5.96 33.09 -14.27
N ILE A 80 6.52 32.24 -13.39
CA ILE A 80 7.46 31.21 -13.77
C ILE A 80 6.82 29.84 -13.56
N VAL A 81 7.00 28.95 -14.54
CA VAL A 81 6.60 27.55 -14.40
C VAL A 81 7.70 26.69 -15.01
N GLY A 82 7.77 25.44 -14.52
CA GLY A 82 8.70 24.49 -15.08
C GLY A 82 8.16 23.89 -16.36
N PRO A 83 9.01 23.25 -17.15
CA PRO A 83 8.55 22.64 -18.40
C PRO A 83 7.52 21.54 -18.19
N GLN A 84 7.57 20.86 -17.06
CA GLN A 84 6.61 19.78 -16.81
C GLN A 84 5.20 20.34 -16.68
N VAL A 85 5.07 21.62 -16.28
CA VAL A 85 3.76 22.25 -16.25
C VAL A 85 3.24 22.46 -17.67
N VAL A 86 4.14 22.76 -18.60
CA VAL A 86 3.74 22.95 -19.99
C VAL A 86 3.31 21.64 -20.61
N ILE A 87 4.13 20.60 -20.44
CA ILE A 87 3.77 19.29 -20.96
C ILE A 87 2.42 18.87 -20.43
N PHE A 88 2.21 19.05 -19.12
CA PHE A 88 0.95 18.62 -18.52
C PHE A 88 -0.23 19.39 -19.11
N CYS A 89 -0.17 20.72 -19.05
CA CYS A 89 -1.30 21.53 -19.51
C CYS A 89 -1.61 21.29 -20.98
N MET A 90 -0.56 21.13 -21.80
CA MET A 90 -0.75 20.80 -23.21
C MET A 90 -1.44 19.47 -23.38
N HIS A 91 -0.97 18.43 -22.68
CA HIS A 91 -1.50 17.09 -22.85
C HIS A 91 -2.98 16.99 -22.47
N HIS A 92 -3.38 17.67 -21.40
CA HIS A 92 -4.75 17.58 -20.92
C HIS A 92 -5.61 18.76 -21.36
N GLN A 93 -5.13 19.56 -22.31
CA GLN A 93 -5.91 20.65 -22.89
C GLN A 93 -6.47 21.58 -21.81
N ARG A 94 -5.75 21.73 -20.71
CA ARG A 94 -6.20 22.57 -19.61
C ARG A 94 -5.29 23.78 -19.47
N CYS A 95 -5.78 24.76 -18.72
CA CYS A 95 -5.11 26.05 -18.64
C CYS A 95 -3.83 25.95 -17.80
N VAL A 96 -2.88 26.83 -18.10
CA VAL A 96 -1.73 27.00 -17.22
C VAL A 96 -2.17 27.69 -15.95
N PRO A 97 -1.74 27.23 -14.77
CA PRO A 97 -2.23 27.81 -13.51
C PRO A 97 -1.90 29.29 -13.36
N ARG A 98 -2.59 29.90 -12.40
CA ARG A 98 -2.40 31.32 -12.08
C ARG A 98 -0.94 31.65 -11.84
N ALA A 99 -0.28 30.90 -10.96
CA ALA A 99 1.16 31.02 -10.67
C ALA A 99 1.48 32.35 -9.98
N GLU A 100 0.81 32.59 -8.86
CA GLU A 100 1.26 33.63 -7.93
C GLU A 100 2.66 33.34 -7.41
N HIS A 101 2.97 32.07 -7.22
CA HIS A 101 4.28 31.54 -6.91
C HIS A 101 4.79 30.71 -8.07
N PRO A 102 6.09 30.46 -8.16
CA PRO A 102 6.58 29.55 -9.21
C PRO A 102 6.06 28.13 -9.00
N VAL A 103 5.73 27.47 -10.11
CA VAL A 103 5.15 26.14 -10.12
C VAL A 103 6.01 25.24 -11.01
N TYR A 104 6.55 24.16 -10.43
CA TYR A 104 7.53 23.34 -11.15
C TYR A 104 6.89 22.19 -11.94
N ASN A 105 5.84 21.57 -11.42
CA ASN A 105 5.13 20.53 -12.15
C ASN A 105 3.69 20.52 -11.67
N MET A 106 2.86 19.68 -12.30
CA MET A 106 1.44 19.62 -12.01
C MET A 106 1.03 18.32 -11.34
N VAL A 107 1.97 17.64 -10.67
CA VAL A 107 1.66 16.35 -10.07
C VAL A 107 0.56 16.50 -9.03
N MET A 108 0.55 17.61 -8.30
CA MET A 108 -0.45 17.83 -7.26
C MET A 108 -1.52 18.84 -7.65
N SER A 109 -1.76 19.06 -8.95
CA SER A 109 -2.89 19.88 -9.34
C SER A 109 -4.18 19.15 -8.99
N ASP A 110 -5.21 19.92 -8.66
CA ASP A 110 -6.51 19.47 -8.15
C ASP A 110 -6.42 19.01 -6.71
N VAL A 111 -5.26 19.13 -6.08
CA VAL A 111 -5.08 18.81 -4.67
C VAL A 111 -5.04 20.09 -3.87
N THR A 112 -5.90 20.18 -2.85
CA THR A 112 -5.92 21.31 -1.92
C THR A 112 -5.73 20.77 -0.52
N ILE A 113 -4.73 21.28 0.20
CA ILE A 113 -4.39 20.72 1.49
C ILE A 113 -4.45 21.79 2.56
N SER A 114 -4.61 21.32 3.80
CA SER A 114 -4.41 22.11 5.00
C SER A 114 -3.61 21.24 5.97
N CYS A 115 -3.02 21.88 6.97
CA CYS A 115 -2.17 21.18 7.92
C CYS A 115 -2.70 21.32 9.33
N THR A 116 -2.32 20.36 10.18
CA THR A 116 -2.61 20.43 11.61
C THR A 116 -1.61 19.57 12.36
N SER A 117 -1.29 20.00 13.58
CA SER A 117 -0.39 19.26 14.47
C SER A 117 0.96 19.01 13.81
N LEU A 118 1.54 20.07 13.24
CA LEU A 118 2.85 19.99 12.62
C LEU A 118 3.76 21.04 13.22
N GLU A 119 5.07 20.75 13.18
CA GLU A 119 6.06 21.77 13.51
C GLU A 119 6.01 22.87 12.44
N LYS A 120 6.30 24.10 12.86
CA LYS A 120 6.24 25.23 11.95
C LYS A 120 7.10 25.00 10.70
N GLU A 121 8.36 24.58 10.90
CA GLU A 121 9.25 24.35 9.76
C GLU A 121 8.73 23.25 8.85
N LYS A 122 8.23 22.16 9.43
CA LYS A 122 7.66 21.08 8.63
C LYS A 122 6.47 21.58 7.81
N ARG A 123 5.59 22.37 8.43
CA ARG A 123 4.44 22.92 7.72
C ARG A 123 4.89 23.79 6.57
N GLU A 124 5.85 24.70 6.81
CA GLU A 124 6.36 25.53 5.73
C GLU A 124 6.92 24.70 4.60
N GLU A 125 7.59 23.58 4.93
CA GLU A 125 8.12 22.73 3.87
C GLU A 125 6.99 22.10 3.07
N VAL A 126 5.96 21.58 3.76
CA VAL A 126 4.81 21.00 3.07
C VAL A 126 4.17 22.04 2.15
N HIS A 127 3.96 23.25 2.66
CA HIS A 127 3.44 24.35 1.87
C HIS A 127 4.29 24.58 0.62
N LYS A 128 5.61 24.66 0.80
CA LYS A 128 6.50 24.94 -0.33
C LYS A 128 6.39 23.86 -1.40
N TYR A 129 6.57 22.60 -1.02
CA TYR A 129 6.61 21.54 -2.03
C TYR A 129 5.24 21.27 -2.63
N VAL A 130 4.16 21.49 -1.88
CA VAL A 130 2.83 21.36 -2.47
C VAL A 130 2.61 22.47 -3.49
N GLN A 131 2.98 23.70 -3.14
CA GLN A 131 2.85 24.81 -4.07
C GLN A 131 3.67 24.57 -5.34
N MET A 132 4.87 24.00 -5.19
CA MET A 132 5.69 23.77 -6.38
C MET A 132 5.13 22.66 -7.26
N MET A 133 4.34 21.73 -6.69
CA MET A 133 3.76 20.65 -7.46
C MET A 133 2.36 20.97 -7.97
N GLY A 134 1.97 22.23 -8.00
CA GLY A 134 0.71 22.62 -8.60
C GLY A 134 -0.51 22.47 -7.72
N GLY A 135 -0.34 22.22 -6.43
CA GLY A 135 -1.45 22.17 -5.52
C GLY A 135 -1.76 23.51 -4.89
N ARG A 136 -2.85 23.53 -4.11
CA ARG A 136 -3.25 24.71 -3.37
C ARG A 136 -3.14 24.45 -1.87
N VAL A 137 -2.88 25.52 -1.11
CA VAL A 137 -2.60 25.44 0.31
C VAL A 137 -3.51 26.42 1.04
N TYR A 138 -4.26 25.92 2.02
CA TYR A 138 -5.11 26.74 2.87
C TYR A 138 -4.67 26.60 4.32
N ARG A 139 -4.55 27.72 5.02
CA ARG A 139 -4.28 27.66 6.46
C ARG A 139 -5.43 26.96 7.18
N ASP A 140 -6.63 27.52 7.08
CA ASP A 140 -7.81 26.97 7.72
C ASP A 140 -8.47 25.94 6.80
N LEU A 141 -9.31 25.10 7.40
CA LEU A 141 -9.92 23.98 6.71
C LEU A 141 -11.25 24.40 6.11
N ASN A 142 -11.32 24.43 4.78
CA ASN A 142 -12.54 24.78 4.07
C ASN A 142 -12.96 23.63 3.15
N VAL A 143 -14.18 23.72 2.62
CA VAL A 143 -14.76 22.65 1.82
C VAL A 143 -13.88 22.27 0.63
N SER A 144 -13.15 23.23 0.05
CA SER A 144 -12.36 22.89 -1.12
C SER A 144 -11.12 22.05 -0.79
N VAL A 145 -10.79 21.88 0.49
CA VAL A 145 -9.64 21.05 0.87
C VAL A 145 -9.93 19.59 0.54
N THR A 146 -9.00 18.97 -0.19
CA THR A 146 -9.12 17.57 -0.60
C THR A 146 -8.39 16.59 0.31
N HIS A 147 -7.31 17.03 0.96
CA HIS A 147 -6.51 16.17 1.83
C HIS A 147 -6.02 16.97 3.02
N LEU A 148 -6.11 16.39 4.21
CA LEU A 148 -5.52 16.99 5.40
C LEU A 148 -4.16 16.35 5.67
N ILE A 149 -3.18 17.17 6.00
CA ILE A 149 -1.84 16.73 6.37
C ILE A 149 -1.69 16.93 7.86
N ALA A 150 -1.35 15.85 8.58
CA ALA A 150 -1.36 15.85 10.03
C ALA A 150 -0.15 15.10 10.59
N GLY A 151 0.40 15.63 11.68
CA GLY A 151 1.47 14.95 12.39
C GLY A 151 0.99 14.13 13.57
N GLU A 152 -0.20 14.48 14.10
CA GLU A 152 -0.82 13.73 15.19
C GLU A 152 -2.33 13.76 15.00
N VAL A 153 -3.00 12.79 15.63
CA VAL A 153 -4.45 12.78 15.68
C VAL A 153 -4.92 13.68 16.82
N GLY A 154 -6.21 14.01 16.85
CA GLY A 154 -6.78 14.66 18.01
C GLY A 154 -7.27 16.09 17.85
N SER A 155 -6.58 16.90 17.05
CA SER A 155 -6.88 18.33 16.98
C SER A 155 -8.28 18.58 16.44
N LYS A 156 -8.78 19.80 16.70
CA LYS A 156 -10.09 20.20 16.20
C LYS A 156 -10.17 20.09 14.68
N LYS A 157 -9.13 20.58 13.99
CA LYS A 157 -9.10 20.48 12.54
C LYS A 157 -9.09 19.02 12.09
N TYR A 158 -8.30 18.17 12.79
CA TYR A 158 -8.29 16.74 12.49
C TYR A 158 -9.70 16.16 12.53
N LEU A 159 -10.43 16.44 13.62
CA LEU A 159 -11.78 15.92 13.76
C LEU A 159 -12.69 16.46 12.66
N VAL A 160 -12.62 17.76 12.38
CA VAL A 160 -13.46 18.33 11.33
C VAL A 160 -13.22 17.61 10.01
N ALA A 161 -11.94 17.46 9.63
CA ALA A 161 -11.62 16.77 8.38
C ALA A 161 -12.13 15.33 8.39
N ALA A 162 -12.04 14.67 9.54
CA ALA A 162 -12.49 13.29 9.64
C ALA A 162 -14.00 13.19 9.42
N ASN A 163 -14.76 14.11 10.01
CA ASN A 163 -16.21 14.12 9.82
C ASN A 163 -16.58 14.36 8.36
N LEU A 164 -15.75 15.12 7.62
CA LEU A 164 -15.97 15.30 6.19
C LEU A 164 -15.46 14.14 5.35
N LYS A 165 -14.97 13.06 5.98
CA LYS A 165 -14.48 11.87 5.28
C LYS A 165 -13.38 12.23 4.27
N LYS A 166 -12.47 13.12 4.68
CA LYS A 166 -11.33 13.47 3.87
C LYS A 166 -10.09 12.69 4.30
N PRO A 167 -9.22 12.32 3.35
CA PRO A 167 -7.98 11.63 3.70
C PRO A 167 -7.11 12.45 4.63
N ILE A 168 -6.60 11.81 5.67
CA ILE A 168 -5.66 12.42 6.62
C ILE A 168 -4.33 11.69 6.48
N LEU A 169 -3.34 12.37 5.92
CA LEU A 169 -2.08 11.76 5.52
C LEU A 169 -0.92 12.48 6.20
N LEU A 170 0.24 11.80 6.22
CA LEU A 170 1.49 12.24 6.80
C LEU A 170 2.31 13.04 5.80
N PRO A 171 3.18 13.93 6.28
CA PRO A 171 4.10 14.65 5.38
C PRO A 171 4.87 13.75 4.43
N SER A 172 5.11 12.49 4.82
CA SER A 172 5.80 11.55 3.95
C SER A 172 5.12 11.42 2.60
N TRP A 173 3.79 11.56 2.56
CA TRP A 173 3.08 11.55 1.27
C TRP A 173 3.61 12.64 0.35
N ILE A 174 3.72 13.87 0.86
CA ILE A 174 4.32 14.96 0.09
C ILE A 174 5.75 14.61 -0.32
N LYS A 175 6.56 14.15 0.64
CA LYS A 175 7.96 13.83 0.33
C LYS A 175 8.05 12.82 -0.81
N THR A 176 7.31 11.73 -0.72
CA THR A 176 7.31 10.72 -1.77
C THR A 176 6.83 11.30 -3.08
N LEU A 177 5.75 12.08 -3.07
CA LEU A 177 5.27 12.70 -4.29
C LEU A 177 6.38 13.53 -4.96
N TRP A 178 7.08 14.35 -4.18
CA TRP A 178 8.17 15.15 -4.73
C TRP A 178 9.28 14.28 -5.28
N GLU A 179 9.82 13.38 -4.45
CA GLU A 179 10.96 12.57 -4.85
C GLU A 179 10.63 11.72 -6.06
N LYS A 180 9.54 10.96 -5.98
CA LYS A 180 9.06 10.18 -7.11
C LYS A 180 8.81 11.03 -8.36
N SER A 181 8.46 12.32 -8.19
CA SER A 181 8.29 13.15 -9.37
C SER A 181 9.65 13.51 -10.01
N GLN A 182 10.65 13.81 -9.17
CA GLN A 182 11.97 14.13 -9.70
C GLN A 182 12.64 12.92 -10.34
N GLU A 183 12.32 11.72 -9.87
CA GLU A 183 12.81 10.50 -10.49
C GLU A 183 12.02 10.10 -11.75
N LYS A 184 11.09 10.95 -12.18
CA LYS A 184 10.25 10.72 -13.36
C LYS A 184 9.55 9.37 -13.30
N LYS A 185 9.18 8.95 -12.08
CA LYS A 185 8.40 7.73 -11.90
C LYS A 185 6.89 7.98 -11.88
N ILE A 186 6.46 9.20 -11.59
CA ILE A 186 5.05 9.52 -11.50
C ILE A 186 4.76 10.79 -12.29
N THR A 187 3.58 10.84 -12.90
CA THR A 187 3.07 12.06 -13.51
C THR A 187 1.99 12.74 -12.68
N ARG A 188 1.35 12.00 -11.76
CA ARG A 188 0.15 12.45 -11.08
C ARG A 188 0.17 11.94 -9.64
N TYR A 189 -0.44 12.72 -8.74
CA TYR A 189 -0.43 12.36 -7.32
C TYR A 189 -1.14 11.04 -7.05
N THR A 190 -1.98 10.58 -7.97
CA THR A 190 -2.69 9.32 -7.79
C THR A 190 -1.84 8.10 -8.09
N ASP A 191 -0.66 8.29 -8.69
CA ASP A 191 0.17 7.16 -9.06
C ASP A 191 0.70 6.40 -7.84
N ILE A 192 0.97 7.11 -6.74
CA ILE A 192 1.35 6.41 -5.51
C ILE A 192 0.09 6.10 -4.74
N ASN A 193 0.18 5.09 -3.88
CA ASN A 193 -0.96 4.57 -3.14
C ASN A 193 -1.11 5.32 -1.82
N MET A 194 -2.31 5.87 -1.60
CA MET A 194 -2.52 6.74 -0.44
C MET A 194 -2.38 6.00 0.88
N GLU A 195 -2.84 4.74 0.94
CA GLU A 195 -2.95 4.08 2.24
C GLU A 195 -1.60 3.82 2.89
N ASP A 196 -0.52 3.78 2.10
CA ASP A 196 0.81 3.64 2.67
C ASP A 196 1.27 4.91 3.39
N PHE A 197 0.48 5.99 3.35
CA PHE A 197 0.87 7.24 3.98
C PHE A 197 -0.21 7.79 4.90
N LYS A 198 -1.25 7.00 5.21
CA LYS A 198 -2.27 7.47 6.14
C LYS A 198 -1.67 7.79 7.50
N CYS A 199 -2.28 8.74 8.18
CA CYS A 199 -1.92 9.01 9.56
C CYS A 199 -2.48 7.90 10.44
N PRO A 200 -1.65 7.28 11.29
CA PRO A 200 -2.16 6.21 12.15
C PRO A 200 -3.24 6.69 13.10
N ILE A 201 -4.19 5.80 13.39
CA ILE A 201 -5.38 6.15 14.18
C ILE A 201 -5.01 6.71 15.55
N PHE A 202 -3.92 6.24 16.16
CA PHE A 202 -3.57 6.66 17.51
C PHE A 202 -2.22 7.38 17.57
N LEU A 203 -1.69 7.81 16.42
CA LEU A 203 -0.43 8.52 16.38
C LEU A 203 -0.48 9.77 17.27
N GLY A 204 0.31 9.76 18.34
CA GLY A 204 0.31 10.84 19.30
C GLY A 204 -0.47 10.54 20.56
N CYS A 205 -1.23 9.45 20.57
CA CYS A 205 -1.94 9.03 21.76
C CYS A 205 -1.02 8.23 22.66
N ILE A 206 -1.17 8.42 23.96
CA ILE A 206 -0.48 7.63 24.95
C ILE A 206 -1.56 7.06 25.86
N ILE A 207 -1.87 5.78 25.66
CA ILE A 207 -3.10 5.19 26.18
C ILE A 207 -2.77 4.35 27.41
N CYS A 208 -3.58 4.53 28.45
CA CYS A 208 -3.57 3.69 29.63
C CYS A 208 -4.98 3.13 29.83
N VAL A 209 -5.07 1.99 30.52
CA VAL A 209 -6.34 1.37 30.82
C VAL A 209 -6.44 1.11 32.32
N THR A 210 -7.67 0.91 32.78
CA THR A 210 -7.92 0.51 34.16
C THR A 210 -9.22 -0.27 34.20
N GLY A 211 -9.27 -1.26 35.10
CA GLY A 211 -10.42 -2.12 35.26
C GLY A 211 -10.53 -3.24 34.25
N LEU A 212 -9.64 -3.30 33.27
CA LEU A 212 -9.72 -4.35 32.25
C LEU A 212 -8.93 -5.56 32.71
N CYS A 213 -9.40 -6.74 32.34
CA CYS A 213 -8.66 -7.96 32.63
C CYS A 213 -7.41 -8.05 31.76
N GLY A 214 -6.51 -8.96 32.14
CA GLY A 214 -5.21 -9.03 31.50
C GLY A 214 -5.28 -9.26 29.99
N LEU A 215 -6.21 -10.13 29.56
CA LEU A 215 -6.38 -10.35 28.13
C LEU A 215 -6.89 -9.10 27.42
N ASP A 216 -7.83 -8.38 28.05
CA ASP A 216 -8.33 -7.12 27.47
C ASP A 216 -7.20 -6.11 27.32
N ARG A 217 -6.40 -5.90 28.37
CA ARG A 217 -5.37 -4.87 28.28
C ARG A 217 -4.22 -5.30 27.37
N LYS A 218 -3.96 -6.61 27.24
CA LYS A 218 -2.99 -7.04 26.23
C LYS A 218 -3.51 -6.77 24.82
N GLU A 219 -4.80 -7.01 24.59
CA GLU A 219 -5.38 -6.71 23.28
C GLU A 219 -5.30 -5.22 22.98
N VAL A 220 -5.65 -4.38 23.97
CA VAL A 220 -5.58 -2.93 23.79
C VAL A 220 -4.15 -2.50 23.52
N GLN A 221 -3.18 -3.04 24.28
CA GLN A 221 -1.77 -2.70 24.05
C GLN A 221 -1.34 -3.07 22.63
N GLN A 222 -1.62 -4.32 22.22
CA GLN A 222 -1.27 -4.76 20.88
C GLN A 222 -1.86 -3.86 19.81
N LEU A 223 -3.18 -3.60 19.89
CA LEU A 223 -3.83 -2.80 18.87
C LEU A 223 -3.35 -1.34 18.89
N THR A 224 -3.15 -0.78 20.09
CA THR A 224 -2.58 0.55 20.21
C THR A 224 -1.26 0.66 19.46
N VAL A 225 -0.32 -0.25 19.75
CA VAL A 225 0.97 -0.21 19.06
C VAL A 225 0.79 -0.40 17.56
N LYS A 226 -0.10 -1.32 17.16
CA LYS A 226 -0.32 -1.59 15.74
C LYS A 226 -0.81 -0.34 15.03
N HIS A 227 -1.69 0.43 15.66
CA HIS A 227 -2.27 1.61 15.07
C HIS A 227 -1.54 2.90 15.46
N GLY A 228 -0.23 2.81 15.68
CA GLY A 228 0.64 3.97 15.78
C GLY A 228 0.74 4.64 17.14
N GLY A 229 -0.05 4.22 18.12
CA GLY A 229 -0.01 4.83 19.44
C GLY A 229 0.99 4.14 20.37
N GLN A 230 1.09 4.70 21.57
CA GLN A 230 1.91 4.14 22.63
C GLN A 230 1.01 3.67 23.77
N TYR A 231 1.37 2.53 24.36
CA TYR A 231 0.65 1.97 25.49
C TYR A 231 1.50 2.10 26.74
N MET A 232 0.85 2.40 27.86
CA MET A 232 1.52 2.48 29.15
C MET A 232 0.82 1.59 30.16
N GLY A 233 1.61 0.76 30.85
CA GLY A 233 1.05 -0.03 31.94
C GLY A 233 0.73 0.81 33.15
N GLN A 234 1.66 1.71 33.51
CA GLN A 234 1.48 2.63 34.62
C GLN A 234 0.99 3.99 34.10
N LEU A 235 0.15 4.64 34.88
CA LEU A 235 -0.36 5.96 34.50
C LEU A 235 0.66 7.02 34.93
N LYS A 236 1.20 7.76 33.96
CA LYS A 236 2.15 8.83 34.22
C LYS A 236 1.56 10.13 33.72
N MET A 237 1.49 11.13 34.60
CA MET A 237 1.01 12.43 34.19
C MET A 237 2.04 13.13 33.31
N ASN A 238 1.58 14.14 32.58
CA ASN A 238 2.36 14.80 31.53
C ASN A 238 2.77 13.81 30.45
N GLU A 239 1.99 12.74 30.28
CA GLU A 239 2.33 11.69 29.33
C GLU A 239 1.06 11.05 28.74
N CYS A 240 0.22 10.48 29.61
N CYS A 240 0.22 10.48 29.60
CA CYS A 240 -0.98 9.80 29.16
CA CYS A 240 -0.96 9.77 29.12
C CYS A 240 -1.98 10.80 28.59
C CYS A 240 -2.02 10.75 28.61
N THR A 241 -2.56 10.46 27.43
CA THR A 241 -3.60 11.29 26.84
C THR A 241 -5.00 10.73 27.06
N HIS A 242 -5.14 9.41 27.07
CA HIS A 242 -6.44 8.76 27.21
C HIS A 242 -6.34 7.64 28.23
N LEU A 243 -7.25 7.64 29.21
CA LEU A 243 -7.43 6.53 30.12
C LEU A 243 -8.70 5.78 29.73
N ILE A 244 -8.55 4.54 29.30
CA ILE A 244 -9.69 3.71 28.95
C ILE A 244 -10.26 3.10 30.23
N VAL A 245 -11.55 3.32 30.47
CA VAL A 245 -12.16 2.92 31.72
C VAL A 245 -13.67 2.83 31.57
N GLN A 246 -14.24 1.66 31.84
CA GLN A 246 -15.66 1.46 31.67
C GLN A 246 -16.44 1.89 32.91
N GLU A 247 -15.88 1.68 34.10
CA GLU A 247 -16.55 2.01 35.34
C GLU A 247 -15.73 3.04 36.11
N PRO A 248 -16.33 4.15 36.52
CA PRO A 248 -15.59 5.28 37.11
C PRO A 248 -15.21 5.08 38.58
N LYS A 249 -14.23 4.22 38.82
CA LYS A 249 -13.69 4.04 40.17
C LYS A 249 -12.26 3.56 40.08
N GLY A 250 -11.52 3.78 41.15
CA GLY A 250 -10.13 3.36 41.24
C GLY A 250 -9.19 4.54 41.29
N GLN A 251 -7.97 4.27 41.79
CA GLN A 251 -6.98 5.32 41.94
C GLN A 251 -6.53 5.87 40.59
N LYS A 252 -6.41 4.99 39.58
CA LYS A 252 -6.08 5.45 38.23
C LYS A 252 -7.15 6.41 37.70
N TYR A 253 -8.42 6.02 37.84
CA TYR A 253 -9.51 6.86 37.33
C TYR A 253 -9.55 8.22 38.02
N GLU A 254 -9.50 8.22 39.36
CA GLU A 254 -9.62 9.48 40.08
C GLU A 254 -8.41 10.37 39.85
N CYS A 255 -7.22 9.77 39.71
CA CYS A 255 -6.05 10.57 39.38
C CYS A 255 -6.18 11.19 37.99
N ALA A 256 -6.63 10.41 37.01
CA ALA A 256 -6.88 10.96 35.68
C ALA A 256 -7.91 12.07 35.72
N LYS A 257 -8.93 11.93 36.58
CA LYS A 257 -9.95 12.98 36.67
C LYS A 257 -9.39 14.26 37.29
N ARG A 258 -8.54 14.13 38.31
CA ARG A 258 -7.94 15.33 38.89
C ARG A 258 -7.03 16.04 37.90
N TRP A 259 -6.50 15.33 36.90
CA TRP A 259 -5.62 15.91 35.90
C TRP A 259 -6.33 16.21 34.58
N ASN A 260 -7.66 16.09 34.55
CA ASN A 260 -8.45 16.39 33.35
C ASN A 260 -7.93 15.63 32.13
N VAL A 261 -7.62 14.36 32.31
CA VAL A 261 -7.23 13.48 31.22
C VAL A 261 -8.47 12.82 30.65
N HIS A 262 -8.49 12.57 29.34
CA HIS A 262 -9.63 11.91 28.71
C HIS A 262 -9.90 10.58 29.40
N CYS A 263 -11.11 10.47 29.94
CA CYS A 263 -11.60 9.22 30.52
C CYS A 263 -12.70 8.70 29.61
N VAL A 264 -12.39 7.66 28.83
CA VAL A 264 -13.31 7.17 27.83
C VAL A 264 -13.54 5.67 28.03
N THR A 265 -14.59 5.18 27.38
CA THR A 265 -14.92 3.77 27.44
C THR A 265 -14.07 3.01 26.43
N THR A 266 -14.19 1.68 26.44
CA THR A 266 -13.54 0.88 25.41
C THR A 266 -14.14 1.13 24.04
N GLN A 267 -15.38 1.61 23.99
CA GLN A 267 -16.04 1.86 22.71
C GLN A 267 -15.34 2.99 21.96
N TRP A 268 -14.76 3.95 22.67
CA TRP A 268 -13.93 4.96 22.01
C TRP A 268 -12.79 4.29 21.24
N PHE A 269 -12.08 3.38 21.89
CA PHE A 269 -10.93 2.72 21.30
C PHE A 269 -11.34 1.91 20.07
N PHE A 270 -12.31 1.01 20.25
CA PHE A 270 -12.64 0.10 19.16
C PHE A 270 -13.39 0.81 18.03
N ASP A 271 -14.26 1.76 18.37
CA ASP A 271 -14.85 2.62 17.35
C ASP A 271 -13.78 3.38 16.57
N SER A 272 -12.76 3.90 17.27
CA SER A 272 -11.66 4.55 16.56
C SER A 272 -11.01 3.61 15.55
N ILE A 273 -10.80 2.34 15.93
CA ILE A 273 -10.22 1.40 14.97
C ILE A 273 -11.19 1.16 13.82
N GLU A 274 -12.46 0.89 14.14
CA GLU A 274 -13.42 0.50 13.12
C GLU A 274 -13.64 1.60 12.08
N LYS A 275 -13.82 2.84 12.54
CA LYS A 275 -14.15 3.95 11.66
C LYS A 275 -12.93 4.62 11.05
N GLY A 276 -11.72 4.20 11.41
CA GLY A 276 -10.51 4.63 10.73
C GLY A 276 -9.92 5.95 11.18
N PHE A 277 -10.36 6.52 12.29
CA PHE A 277 -9.71 7.71 12.83
C PHE A 277 -9.99 7.82 14.32
N CYS A 278 -9.21 8.68 14.99
CA CYS A 278 -9.32 8.86 16.43
C CYS A 278 -10.60 9.60 16.75
N GLN A 279 -11.54 8.91 17.41
CA GLN A 279 -12.88 9.45 17.59
C GLN A 279 -12.90 10.61 18.58
N ASP A 280 -13.98 11.37 18.51
CA ASP A 280 -14.21 12.48 19.43
C ASP A 280 -14.34 11.95 20.84
N GLU A 281 -13.48 12.41 21.74
CA GLU A 281 -13.51 11.89 23.11
C GLU A 281 -14.79 12.28 23.84
N SER A 282 -15.41 13.41 23.46
CA SER A 282 -16.51 13.95 24.26
C SER A 282 -17.75 13.07 24.23
N ILE A 283 -17.98 12.33 23.13
CA ILE A 283 -19.13 11.45 23.09
C ILE A 283 -18.93 10.20 23.95
N TYR A 284 -17.68 9.86 24.30
CA TYR A 284 -17.41 8.62 25.00
C TYR A 284 -17.00 8.83 26.46
N LYS A 285 -17.37 9.95 27.07
CA LYS A 285 -16.92 10.20 28.44
C LYS A 285 -17.63 9.29 29.44
N THR A 286 -17.07 9.23 30.64
CA THR A 286 -17.70 8.55 31.78
C THR A 286 -17.71 9.44 33.02
N GLU B 9 -18.78 8.55 -20.17
CA GLU B 9 -19.36 7.23 -20.42
C GLU B 9 -20.19 6.76 -19.22
N PRO B 10 -21.17 5.89 -19.45
CA PRO B 10 -22.07 5.48 -18.38
C PRO B 10 -21.39 4.61 -17.33
N PHE B 11 -21.95 4.65 -16.11
CA PHE B 11 -21.42 3.96 -14.95
C PHE B 11 -22.59 3.54 -14.05
N PHE B 12 -23.37 2.56 -14.52
CA PHE B 12 -24.53 2.07 -13.77
C PHE B 12 -24.09 1.19 -12.61
N VAL B 13 -24.88 1.20 -11.54
CA VAL B 13 -24.62 0.34 -10.38
C VAL B 13 -25.89 -0.35 -9.90
N LYS B 14 -26.05 -1.63 -10.23
CA LYS B 14 -27.23 -2.39 -9.80
C LYS B 14 -26.91 -3.29 -8.60
N PHE B 15 -27.86 -3.40 -7.68
CA PHE B 15 -27.72 -4.20 -6.45
C PHE B 15 -28.68 -5.38 -6.48
N LEU B 16 -28.12 -6.59 -6.34
CA LEU B 16 -28.91 -7.83 -6.37
C LEU B 16 -29.48 -8.12 -4.98
N LYS B 17 -30.80 -8.09 -4.85
CA LYS B 17 -31.46 -8.46 -3.60
C LYS B 17 -31.74 -9.96 -3.60
N SER B 18 -31.79 -10.53 -2.41
CA SER B 18 -32.00 -11.97 -2.25
C SER B 18 -32.62 -12.23 -0.88
N SER B 19 -32.88 -13.51 -0.61
CA SER B 19 -33.46 -13.91 0.68
C SER B 19 -32.51 -13.62 1.83
N ASP B 20 -31.24 -14.01 1.69
CA ASP B 20 -30.26 -13.91 2.77
C ASP B 20 -29.03 -13.12 2.31
N ASN B 21 -29.18 -11.80 2.23
CA ASN B 21 -28.03 -10.93 2.02
C ASN B 21 -27.33 -10.67 3.34
N SER B 22 -26.00 -10.51 3.28
CA SER B 22 -25.22 -10.33 4.49
C SER B 22 -25.27 -8.87 4.95
N LYS B 23 -24.69 -8.63 6.13
CA LYS B 23 -24.58 -7.26 6.64
C LYS B 23 -23.72 -6.39 5.73
N CYS B 24 -22.73 -7.01 5.06
CA CYS B 24 -21.93 -6.33 4.07
C CYS B 24 -22.80 -5.67 3.01
N PHE B 25 -23.82 -6.39 2.53
CA PHE B 25 -24.75 -5.84 1.54
C PHE B 25 -25.31 -4.50 1.99
N PHE B 26 -25.90 -4.45 3.21
CA PHE B 26 -26.52 -3.21 3.67
C PHE B 26 -25.48 -2.12 3.93
N LYS B 27 -24.31 -2.49 4.46
CA LYS B 27 -23.26 -1.49 4.67
C LYS B 27 -22.84 -0.85 3.36
N ALA B 28 -22.64 -1.67 2.32
CA ALA B 28 -22.26 -1.14 1.02
C ALA B 28 -23.40 -0.33 0.41
N LEU B 29 -24.65 -0.77 0.61
CA LEU B 29 -25.79 -0.01 0.12
C LEU B 29 -25.83 1.39 0.72
N GLU B 30 -25.59 1.49 2.04
CA GLU B 30 -25.62 2.80 2.69
C GLU B 30 -24.39 3.63 2.35
N SER B 31 -23.24 3.00 2.15
CA SER B 31 -22.00 3.73 1.86
C SER B 31 -21.95 4.26 0.43
N ILE B 32 -22.45 3.47 -0.53
CA ILE B 32 -22.40 3.85 -1.95
C ILE B 32 -23.24 5.08 -2.26
N LYS B 33 -24.28 5.34 -1.47
CA LYS B 33 -25.11 6.51 -1.73
C LYS B 33 -24.40 7.84 -1.47
N GLU B 34 -23.28 7.82 -0.75
CA GLU B 34 -22.59 9.05 -0.38
C GLU B 34 -21.38 9.29 -1.29
N PHE B 35 -21.69 9.54 -2.56
CA PHE B 35 -20.72 9.98 -3.54
C PHE B 35 -21.44 10.52 -4.78
N GLN B 36 -22.43 9.75 -5.24
CA GLN B 36 -23.19 10.10 -6.43
C GLN B 36 -24.67 9.96 -6.12
N SER B 37 -25.48 10.68 -6.88
CA SER B 37 -26.92 10.65 -6.72
C SER B 37 -27.47 9.28 -7.12
N GLU B 38 -28.70 9.02 -6.68
CA GLU B 38 -29.37 7.73 -6.90
C GLU B 38 -29.85 7.63 -8.34
N GLU B 39 -29.23 8.39 -9.24
CA GLU B 39 -29.67 8.40 -10.63
C GLU B 39 -29.30 7.09 -11.33
N TYR B 40 -28.15 6.51 -10.99
CA TYR B 40 -27.73 5.24 -11.55
C TYR B 40 -27.74 4.10 -10.53
N LEU B 41 -28.54 4.22 -9.47
CA LEU B 41 -28.55 3.25 -8.38
C LEU B 41 -29.88 2.50 -8.40
N GLN B 42 -29.81 1.17 -8.53
CA GLN B 42 -30.99 0.32 -8.56
C GLN B 42 -30.89 -0.78 -7.53
N ILE B 43 -32.04 -1.34 -7.15
CA ILE B 43 -32.13 -2.58 -6.38
C ILE B 43 -32.96 -3.56 -7.20
N ILE B 44 -32.36 -4.68 -7.58
CA ILE B 44 -33.00 -5.66 -8.45
C ILE B 44 -33.20 -6.97 -7.68
N THR B 45 -34.35 -7.61 -7.92
CA THR B 45 -34.65 -8.90 -7.34
C THR B 45 -34.12 -10.01 -8.23
N GLU B 46 -34.25 -11.26 -7.78
CA GLU B 46 -33.77 -12.39 -8.58
C GLU B 46 -34.56 -12.51 -9.88
N GLU B 47 -35.86 -12.21 -9.85
CA GLU B 47 -36.66 -12.25 -11.07
C GLU B 47 -36.11 -11.32 -12.15
N GLU B 48 -36.03 -10.02 -11.84
CA GLU B 48 -35.58 -9.04 -12.83
C GLU B 48 -34.15 -9.29 -13.28
N ALA B 49 -33.31 -9.83 -12.39
CA ALA B 49 -31.95 -10.18 -12.78
C ALA B 49 -31.97 -11.35 -13.75
N LEU B 50 -32.74 -12.40 -13.44
CA LEU B 50 -32.89 -13.54 -14.34
C LEU B 50 -33.40 -13.12 -15.71
N LYS B 51 -34.26 -12.11 -15.78
CA LYS B 51 -34.87 -11.78 -17.08
C LYS B 51 -33.91 -11.09 -18.03
N ILE B 52 -32.84 -10.47 -17.53
CA ILE B 52 -31.88 -9.84 -18.44
C ILE B 52 -31.09 -10.94 -19.15
N LYS B 53 -30.63 -10.64 -20.37
CA LYS B 53 -29.98 -11.67 -21.16
C LYS B 53 -28.77 -11.20 -21.97
N GLU B 54 -28.38 -9.92 -21.87
CA GLU B 54 -27.20 -9.45 -22.56
C GLU B 54 -26.41 -8.52 -21.65
N ASN B 55 -25.09 -8.50 -21.84
CA ASN B 55 -24.21 -7.64 -21.05
C ASN B 55 -24.32 -6.20 -21.51
N ASP B 56 -24.68 -5.32 -20.57
CA ASP B 56 -24.87 -3.90 -20.80
C ASP B 56 -23.78 -3.13 -20.05
N ARG B 57 -22.54 -3.60 -20.15
CA ARG B 57 -21.46 -3.14 -19.28
C ARG B 57 -21.95 -3.19 -17.84
N SER B 58 -22.14 -2.01 -17.23
CA SER B 58 -22.71 -1.85 -15.90
C SER B 58 -21.97 -2.61 -14.80
N LEU B 59 -22.28 -2.29 -13.55
CA LEU B 59 -21.64 -2.88 -12.38
C LEU B 59 -22.67 -3.66 -11.56
N TYR B 60 -22.44 -4.95 -11.36
CA TYR B 60 -23.33 -5.77 -10.58
C TYR B 60 -22.71 -6.09 -9.21
N ILE B 61 -23.57 -6.23 -8.20
CA ILE B 61 -23.17 -6.50 -6.83
C ILE B 61 -23.84 -7.79 -6.39
N CYS B 62 -23.08 -8.88 -6.32
CA CYS B 62 -23.59 -10.18 -5.89
C CYS B 62 -23.04 -10.54 -4.52
N ASP B 63 -23.85 -11.26 -3.75
CA ASP B 63 -23.44 -11.79 -2.45
C ASP B 63 -24.36 -12.93 -2.03
N PRO B 64 -23.86 -14.18 -2.06
CA PRO B 64 -22.49 -14.55 -2.39
C PRO B 64 -22.26 -14.74 -3.89
N PHE B 65 -21.07 -15.20 -4.26
CA PHE B 65 -20.73 -15.49 -5.65
C PHE B 65 -21.17 -16.91 -6.04
N SER B 66 -22.48 -17.14 -5.93
CA SER B 66 -23.08 -18.43 -6.21
C SER B 66 -24.59 -18.25 -6.31
N GLY B 67 -25.24 -19.19 -6.98
CA GLY B 67 -26.66 -19.14 -7.21
C GLY B 67 -27.00 -18.99 -8.68
N VAL B 68 -28.29 -19.12 -8.97
CA VAL B 68 -28.77 -19.03 -10.35
C VAL B 68 -28.42 -17.68 -10.95
N VAL B 69 -28.51 -16.61 -10.16
CA VAL B 69 -28.26 -15.28 -10.68
C VAL B 69 -26.77 -15.10 -10.98
N PHE B 70 -25.92 -15.46 -10.01
CA PHE B 70 -24.47 -15.39 -10.24
C PHE B 70 -24.05 -16.23 -11.44
N ASP B 71 -24.53 -17.46 -11.51
CA ASP B 71 -24.18 -18.30 -12.67
C ASP B 71 -24.61 -17.64 -13.96
N HIS B 72 -25.84 -17.11 -13.99
CA HIS B 72 -26.36 -16.41 -15.17
C HIS B 72 -25.45 -15.26 -15.59
N LEU B 73 -25.21 -14.31 -14.68
CA LEU B 73 -24.48 -13.10 -15.04
C LEU B 73 -23.02 -13.41 -15.35
N LYS B 74 -22.39 -14.30 -14.58
CA LYS B 74 -21.01 -14.70 -14.84
C LYS B 74 -20.89 -15.38 -16.20
N LYS B 75 -21.77 -16.35 -16.48
CA LYS B 75 -21.72 -17.04 -17.76
C LYS B 75 -22.04 -16.12 -18.93
N LEU B 76 -22.73 -15.00 -18.68
CA LEU B 76 -22.92 -13.99 -19.71
C LEU B 76 -21.72 -13.05 -19.85
N GLY B 77 -20.82 -13.03 -18.88
CA GLY B 77 -19.66 -12.15 -18.93
C GLY B 77 -19.84 -10.80 -18.29
N CYS B 78 -20.75 -10.68 -17.33
CA CYS B 78 -21.04 -9.40 -16.72
C CYS B 78 -19.94 -9.02 -15.73
N ARG B 79 -19.86 -7.72 -15.46
CA ARG B 79 -18.87 -7.16 -14.54
C ARG B 79 -19.42 -7.19 -13.12
N ILE B 80 -18.99 -8.19 -12.34
CA ILE B 80 -19.49 -8.43 -11.00
C ILE B 80 -18.39 -8.17 -9.98
N VAL B 81 -18.74 -7.48 -8.88
CA VAL B 81 -17.87 -7.30 -7.73
C VAL B 81 -18.69 -7.45 -6.45
N GLY B 82 -18.01 -7.84 -5.37
CA GLY B 82 -18.64 -7.95 -4.07
C GLY B 82 -18.76 -6.61 -3.36
N PRO B 83 -19.61 -6.58 -2.33
CA PRO B 83 -19.79 -5.35 -1.55
C PRO B 83 -18.54 -4.90 -0.81
N GLN B 84 -17.65 -5.83 -0.44
CA GLN B 84 -16.43 -5.44 0.26
C GLN B 84 -15.52 -4.62 -0.63
N VAL B 85 -15.63 -4.80 -1.95
CA VAL B 85 -14.89 -3.96 -2.89
C VAL B 85 -15.44 -2.54 -2.87
N VAL B 86 -16.74 -2.40 -2.68
CA VAL B 86 -17.36 -1.09 -2.56
C VAL B 86 -16.92 -0.41 -1.28
N ILE B 87 -17.05 -1.13 -0.14
CA ILE B 87 -16.59 -0.58 1.14
C ILE B 87 -15.12 -0.16 1.07
N PHE B 88 -14.27 -1.01 0.49
CA PHE B 88 -12.83 -0.70 0.41
C PHE B 88 -12.58 0.53 -0.46
N CYS B 89 -13.08 0.51 -1.70
CA CYS B 89 -12.82 1.60 -2.63
C CYS B 89 -13.35 2.93 -2.09
N MET B 90 -14.52 2.90 -1.44
CA MET B 90 -15.04 4.10 -0.80
C MET B 90 -14.12 4.59 0.31
N HIS B 91 -13.75 3.68 1.22
CA HIS B 91 -12.98 4.07 2.39
C HIS B 91 -11.59 4.60 2.01
N HIS B 92 -10.95 3.99 1.02
CA HIS B 92 -9.60 4.36 0.61
C HIS B 92 -9.58 5.24 -0.62
N GLN B 93 -10.73 5.76 -1.04
CA GLN B 93 -10.82 6.73 -2.14
C GLN B 93 -10.14 6.23 -3.41
N ARG B 94 -10.12 4.92 -3.65
CA ARG B 94 -9.49 4.38 -4.84
C ARG B 94 -10.55 3.75 -5.74
N CYS B 95 -10.16 3.52 -6.99
CA CYS B 95 -11.10 3.08 -8.01
C CYS B 95 -11.49 1.62 -7.83
N VAL B 96 -12.69 1.29 -8.30
CA VAL B 96 -13.14 -0.11 -8.41
C VAL B 96 -12.41 -0.79 -9.56
N PRO B 97 -11.89 -2.00 -9.37
CA PRO B 97 -11.15 -2.67 -10.45
C PRO B 97 -12.02 -2.94 -11.67
N ARG B 98 -11.34 -3.20 -12.79
CA ARG B 98 -12.06 -3.49 -14.04
C ARG B 98 -12.74 -4.85 -13.97
N ALA B 99 -12.00 -5.88 -13.55
CA ALA B 99 -12.56 -7.20 -13.27
C ALA B 99 -13.19 -7.86 -14.49
N GLU B 100 -12.37 -8.47 -15.35
CA GLU B 100 -12.91 -9.36 -16.36
C GLU B 100 -13.58 -10.57 -15.72
N HIS B 101 -13.04 -11.03 -14.61
CA HIS B 101 -13.61 -12.04 -13.73
C HIS B 101 -14.23 -11.37 -12.51
N PRO B 102 -15.14 -12.05 -11.81
CA PRO B 102 -15.70 -11.48 -10.58
C PRO B 102 -14.65 -11.35 -9.48
N VAL B 103 -14.74 -10.25 -8.73
CA VAL B 103 -13.82 -9.95 -7.63
C VAL B 103 -14.65 -9.75 -6.37
N TYR B 104 -14.37 -10.55 -5.35
CA TYR B 104 -15.22 -10.59 -4.16
C TYR B 104 -14.82 -9.58 -3.09
N ASN B 105 -13.53 -9.35 -2.87
CA ASN B 105 -13.09 -8.36 -1.91
C ASN B 105 -11.74 -7.80 -2.36
N MET B 106 -11.25 -6.81 -1.61
CA MET B 106 -10.00 -6.12 -1.92
C MET B 106 -8.90 -6.41 -0.92
N VAL B 107 -8.98 -7.55 -0.22
CA VAL B 107 -7.99 -7.87 0.80
C VAL B 107 -6.61 -8.00 0.17
N MET B 108 -6.54 -8.54 -1.04
CA MET B 108 -5.28 -8.75 -1.73
C MET B 108 -5.06 -7.76 -2.88
N SER B 109 -5.69 -6.60 -2.83
CA SER B 109 -5.38 -5.57 -3.81
C SER B 109 -3.96 -5.06 -3.59
N ASP B 110 -3.30 -4.71 -4.68
CA ASP B 110 -1.90 -4.30 -4.78
C ASP B 110 -0.95 -5.49 -4.65
N VAL B 111 -1.48 -6.71 -4.59
CA VAL B 111 -0.65 -7.92 -4.53
C VAL B 111 -0.64 -8.55 -5.92
N THR B 112 0.55 -8.79 -6.44
CA THR B 112 0.75 -9.45 -7.72
C THR B 112 1.62 -10.68 -7.50
N ILE B 113 1.13 -11.85 -7.93
CA ILE B 113 1.81 -13.10 -7.65
C ILE B 113 2.07 -13.86 -8.94
N SER B 114 3.05 -14.77 -8.87
CA SER B 114 3.27 -15.82 -9.84
C SER B 114 3.54 -17.10 -9.06
N CYS B 115 3.38 -18.24 -9.72
CA CYS B 115 3.52 -19.53 -9.06
C CYS B 115 4.64 -20.35 -9.70
N THR B 116 5.20 -21.26 -8.91
CA THR B 116 6.17 -22.23 -9.41
C THR B 116 6.16 -23.44 -8.47
N SER B 117 6.46 -24.61 -9.05
CA SER B 117 6.56 -25.86 -8.30
C SER B 117 5.25 -26.18 -7.58
N LEU B 118 4.14 -26.09 -8.31
CA LEU B 118 2.84 -26.42 -7.78
C LEU B 118 2.15 -27.46 -8.66
N GLU B 119 1.26 -28.21 -8.03
CA GLU B 119 0.35 -29.07 -8.77
C GLU B 119 -0.62 -28.21 -9.60
N LYS B 120 -1.03 -28.73 -10.75
CA LYS B 120 -1.91 -27.99 -11.64
C LYS B 120 -3.15 -27.48 -10.91
N GLU B 121 -3.84 -28.37 -10.19
CA GLU B 121 -5.03 -27.97 -9.45
C GLU B 121 -4.70 -26.93 -8.38
N LYS B 122 -3.60 -27.14 -7.65
CA LYS B 122 -3.20 -26.18 -6.63
C LYS B 122 -2.93 -24.80 -7.21
N ARG B 123 -2.22 -24.74 -8.34
CA ARG B 123 -1.94 -23.46 -8.99
C ARG B 123 -3.22 -22.79 -9.45
N GLU B 124 -4.08 -23.54 -10.15
CA GLU B 124 -5.35 -22.96 -10.59
C GLU B 124 -6.17 -22.45 -9.42
N GLU B 125 -6.14 -23.18 -8.31
CA GLU B 125 -6.90 -22.78 -7.12
C GLU B 125 -6.34 -21.48 -6.53
N VAL B 126 -5.02 -21.37 -6.44
CA VAL B 126 -4.39 -20.14 -5.97
C VAL B 126 -4.76 -18.98 -6.88
N HIS B 127 -4.67 -19.19 -8.20
CA HIS B 127 -5.09 -18.17 -9.15
C HIS B 127 -6.52 -17.72 -8.87
N LYS B 128 -7.42 -18.68 -8.65
CA LYS B 128 -8.82 -18.37 -8.41
C LYS B 128 -8.98 -17.48 -7.18
N TYR B 129 -8.44 -17.92 -6.03
CA TYR B 129 -8.71 -17.16 -4.81
C TYR B 129 -7.97 -15.82 -4.78
N VAL B 130 -6.79 -15.74 -5.39
CA VAL B 130 -6.09 -14.46 -5.46
C VAL B 130 -6.86 -13.49 -6.36
N GLN B 131 -7.31 -13.96 -7.52
CA GLN B 131 -8.12 -13.10 -8.38
C GLN B 131 -9.40 -12.66 -7.67
N MET B 132 -10.00 -13.57 -6.89
CA MET B 132 -11.22 -13.23 -6.17
C MET B 132 -10.97 -12.22 -5.05
N MET B 133 -9.76 -12.20 -4.50
CA MET B 133 -9.43 -11.26 -3.42
C MET B 133 -8.79 -9.97 -3.92
N GLY B 134 -8.93 -9.65 -5.20
CA GLY B 134 -8.46 -8.38 -5.73
C GLY B 134 -7.00 -8.32 -6.11
N GLY B 135 -6.29 -9.45 -6.12
CA GLY B 135 -4.92 -9.47 -6.58
C GLY B 135 -4.81 -9.72 -8.09
N ARG B 136 -3.58 -9.63 -8.59
CA ARG B 136 -3.28 -9.90 -9.99
C ARG B 136 -2.34 -11.11 -10.10
N VAL B 137 -2.42 -11.80 -11.23
CA VAL B 137 -1.69 -13.05 -11.46
C VAL B 137 -0.92 -12.94 -12.77
N TYR B 138 0.39 -13.23 -12.70
CA TYR B 138 1.25 -13.30 -13.87
C TYR B 138 1.74 -14.74 -14.04
N ARG B 139 1.67 -15.24 -15.27
CA ARG B 139 2.19 -16.58 -15.53
C ARG B 139 3.69 -16.62 -15.36
N ASP B 140 4.40 -15.58 -15.81
CA ASP B 140 5.85 -15.48 -15.73
C ASP B 140 6.24 -14.51 -14.62
N LEU B 141 7.50 -14.61 -14.20
CA LEU B 141 7.99 -13.84 -13.06
C LEU B 141 8.52 -12.52 -13.59
N ASN B 142 7.84 -11.41 -13.25
CA ASN B 142 8.19 -10.08 -13.72
C ASN B 142 8.51 -9.19 -12.53
N VAL B 143 9.18 -8.06 -12.80
CA VAL B 143 9.60 -7.14 -11.74
C VAL B 143 8.41 -6.67 -10.91
N SER B 144 7.24 -6.53 -11.53
CA SER B 144 6.06 -6.05 -10.83
C SER B 144 5.47 -7.08 -9.88
N VAL B 145 5.97 -8.33 -9.92
CA VAL B 145 5.48 -9.37 -9.01
C VAL B 145 5.94 -9.05 -7.59
N THR B 146 4.99 -9.04 -6.66
CA THR B 146 5.27 -8.72 -5.27
C THR B 146 5.52 -9.94 -4.39
N HIS B 147 4.92 -11.10 -4.73
CA HIS B 147 5.09 -12.31 -3.94
C HIS B 147 5.12 -13.51 -4.86
N LEU B 148 6.06 -14.43 -4.62
CA LEU B 148 6.09 -15.71 -5.32
C LEU B 148 5.47 -16.78 -4.45
N ILE B 149 4.62 -17.62 -5.04
CA ILE B 149 4.01 -18.75 -4.35
C ILE B 149 4.65 -20.03 -4.88
N ALA B 150 5.18 -20.85 -3.96
CA ALA B 150 5.98 -22.00 -4.34
C ALA B 150 5.65 -23.19 -3.45
N GLY B 151 5.62 -24.38 -4.06
CA GLY B 151 5.42 -25.61 -3.32
C GLY B 151 6.71 -26.32 -2.95
N GLU B 152 7.78 -26.03 -3.68
CA GLU B 152 9.11 -26.56 -3.40
C GLU B 152 10.15 -25.50 -3.76
N VAL B 153 11.33 -25.64 -3.16
CA VAL B 153 12.47 -24.81 -3.53
C VAL B 153 13.11 -25.43 -4.76
N GLY B 154 14.01 -24.70 -5.42
CA GLY B 154 14.82 -25.28 -6.46
C GLY B 154 14.62 -24.78 -7.88
N SER B 155 13.38 -24.47 -8.28
CA SER B 155 13.10 -24.14 -9.67
C SER B 155 13.80 -22.84 -10.08
N LYS B 156 13.93 -22.65 -11.40
CA LYS B 156 14.52 -21.42 -11.94
C LYS B 156 13.78 -20.18 -11.45
N LYS B 157 12.44 -20.24 -11.44
CA LYS B 157 11.65 -19.11 -10.93
C LYS B 157 11.97 -18.83 -9.46
N TYR B 158 12.09 -19.89 -8.65
CA TYR B 158 12.47 -19.73 -7.25
C TYR B 158 13.78 -18.95 -7.12
N LEU B 159 14.80 -19.36 -7.87
CA LEU B 159 16.09 -18.69 -7.78
C LEU B 159 15.98 -17.24 -8.23
N VAL B 160 15.29 -16.99 -9.36
CA VAL B 160 15.12 -15.62 -9.85
C VAL B 160 14.47 -14.75 -8.78
N ALA B 161 13.34 -15.21 -8.23
CA ALA B 161 12.64 -14.44 -7.21
C ALA B 161 13.51 -14.22 -5.98
N ALA B 162 14.30 -15.23 -5.60
CA ALA B 162 15.16 -15.06 -4.43
C ALA B 162 16.22 -14.00 -4.68
N ASN B 163 16.84 -14.01 -5.87
CA ASN B 163 17.85 -13.00 -6.18
C ASN B 163 17.27 -11.59 -6.19
N LEU B 164 15.99 -11.44 -6.52
CA LEU B 164 15.33 -10.15 -6.40
C LEU B 164 14.85 -9.85 -4.99
N LYS B 165 15.16 -10.72 -4.02
CA LYS B 165 14.77 -10.55 -2.61
C LYS B 165 13.26 -10.39 -2.48
N LYS B 166 12.51 -11.17 -3.25
CA LYS B 166 11.06 -11.16 -3.15
C LYS B 166 10.58 -12.25 -2.21
N PRO B 167 9.51 -11.99 -1.48
CA PRO B 167 8.97 -13.02 -0.58
C PRO B 167 8.57 -14.28 -1.35
N ILE B 168 8.99 -15.42 -0.82
CA ILE B 168 8.60 -16.71 -1.37
C ILE B 168 7.75 -17.40 -0.31
N LEU B 169 6.46 -17.54 -0.59
CA LEU B 169 5.48 -17.97 0.40
C LEU B 169 4.75 -19.22 -0.08
N LEU B 170 4.10 -19.95 0.92
CA LEU B 170 3.37 -21.17 0.65
C LEU B 170 1.91 -20.87 0.27
N PRO B 171 1.29 -21.73 -0.52
CA PRO B 171 -0.15 -21.54 -0.84
C PRO B 171 -1.04 -21.37 0.38
N SER B 172 -0.67 -21.95 1.53
CA SER B 172 -1.46 -21.78 2.75
C SER B 172 -1.70 -20.32 3.07
N TRP B 173 -0.74 -19.45 2.74
CA TRP B 173 -0.90 -18.02 2.96
C TRP B 173 -2.18 -17.53 2.29
N ILE B 174 -2.35 -17.87 1.01
CA ILE B 174 -3.58 -17.50 0.30
C ILE B 174 -4.79 -18.01 1.07
N LYS B 175 -4.75 -19.30 1.45
CA LYS B 175 -5.87 -19.89 2.18
C LYS B 175 -6.18 -19.10 3.45
N THR B 176 -5.15 -18.80 4.24
CA THR B 176 -5.41 -18.04 5.45
C THR B 176 -6.03 -16.71 5.09
N LEU B 177 -5.45 -16.03 4.09
CA LEU B 177 -5.99 -14.76 3.63
C LEU B 177 -7.45 -14.92 3.27
N TRP B 178 -7.80 -16.00 2.56
CA TRP B 178 -9.20 -16.24 2.25
C TRP B 178 -10.02 -16.45 3.51
N GLU B 179 -9.60 -17.44 4.33
CA GLU B 179 -10.42 -17.84 5.47
C GLU B 179 -10.58 -16.70 6.46
N LYS B 180 -9.46 -16.11 6.89
CA LYS B 180 -9.51 -14.96 7.78
C LYS B 180 -10.36 -13.83 7.20
N SER B 181 -10.45 -13.73 5.87
CA SER B 181 -11.30 -12.68 5.28
C SER B 181 -12.77 -13.02 5.44
N GLN B 182 -13.15 -14.28 5.24
CA GLN B 182 -14.55 -14.67 5.37
C GLN B 182 -15.03 -14.59 6.82
N GLU B 183 -14.12 -14.79 7.77
CA GLU B 183 -14.44 -14.64 9.19
C GLU B 183 -14.44 -13.18 9.64
N LYS B 184 -14.25 -12.24 8.71
CA LYS B 184 -14.21 -10.80 9.01
C LYS B 184 -13.20 -10.47 10.11
N LYS B 185 -12.09 -11.20 10.12
CA LYS B 185 -10.99 -10.90 11.05
C LYS B 185 -9.95 -9.97 10.46
N ILE B 186 -9.86 -9.87 9.13
CA ILE B 186 -8.88 -9.05 8.45
C ILE B 186 -9.56 -8.23 7.36
N THR B 187 -9.08 -7.00 7.16
CA THR B 187 -9.48 -6.18 6.04
C THR B 187 -8.44 -6.13 4.93
N ARG B 188 -7.18 -6.46 5.25
CA ARG B 188 -6.07 -6.23 4.35
C ARG B 188 -5.06 -7.36 4.53
N TYR B 189 -4.35 -7.69 3.46
CA TYR B 189 -3.38 -8.78 3.50
C TYR B 189 -2.25 -8.54 4.48
N THR B 190 -2.03 -7.30 4.91
CA THR B 190 -0.97 -6.98 5.85
C THR B 190 -1.33 -7.33 7.30
N ASP B 191 -2.61 -7.62 7.59
CA ASP B 191 -3.01 -7.93 8.95
C ASP B 191 -2.43 -9.25 9.46
N ILE B 192 -2.26 -10.24 8.58
CA ILE B 192 -1.60 -11.47 9.00
C ILE B 192 -0.11 -11.31 8.79
N ASN B 193 0.67 -12.09 9.54
CA ASN B 193 2.12 -11.95 9.52
C ASN B 193 2.69 -12.85 8.43
N MET B 194 3.46 -12.26 7.53
CA MET B 194 3.98 -12.97 6.37
C MET B 194 4.98 -14.05 6.77
N GLU B 195 5.78 -13.80 7.81
CA GLU B 195 6.85 -14.73 8.20
C GLU B 195 6.30 -16.12 8.56
N ASP B 196 5.10 -16.18 9.12
CA ASP B 196 4.51 -17.46 9.48
C ASP B 196 4.16 -18.33 8.28
N PHE B 197 4.34 -17.82 7.05
CA PHE B 197 3.99 -18.57 5.85
C PHE B 197 5.14 -18.68 4.86
N LYS B 198 6.37 -18.38 5.28
CA LYS B 198 7.52 -18.52 4.41
C LYS B 198 7.64 -19.96 3.89
N CYS B 199 8.16 -20.09 2.68
CA CYS B 199 8.51 -21.41 2.18
C CYS B 199 9.81 -21.87 2.85
N PRO B 200 9.83 -23.07 3.44
CA PRO B 200 11.06 -23.52 4.13
C PRO B 200 12.22 -23.63 3.15
N ILE B 201 13.41 -23.37 3.67
CA ILE B 201 14.61 -23.31 2.84
C ILE B 201 14.83 -24.61 2.07
N PHE B 202 14.48 -25.75 2.67
CA PHE B 202 14.78 -27.05 2.08
C PHE B 202 13.52 -27.87 1.76
N LEU B 203 12.35 -27.23 1.75
CA LEU B 203 11.10 -27.94 1.44
C LEU B 203 11.19 -28.62 0.08
N GLY B 204 11.16 -29.94 0.06
CA GLY B 204 11.30 -30.70 -1.16
C GLY B 204 12.66 -31.32 -1.35
N CYS B 205 13.64 -30.95 -0.53
CA CYS B 205 14.96 -31.56 -0.60
C CYS B 205 14.99 -32.84 0.23
N ILE B 206 15.71 -33.84 -0.29
CA ILE B 206 15.95 -35.09 0.41
C ILE B 206 17.46 -35.26 0.44
N ILE B 207 18.06 -34.97 1.59
CA ILE B 207 19.49 -34.74 1.72
C ILE B 207 20.20 -35.95 2.31
N CYS B 208 21.33 -36.32 1.71
CA CYS B 208 22.23 -37.32 2.22
C CYS B 208 23.61 -36.71 2.41
N VAL B 209 24.39 -37.30 3.33
CA VAL B 209 25.76 -36.86 3.55
C VAL B 209 26.67 -38.08 3.48
N THR B 210 27.96 -37.80 3.22
CA THR B 210 29.01 -38.82 3.25
C THR B 210 30.32 -38.11 3.52
N GLY B 211 31.23 -38.82 4.19
CA GLY B 211 32.52 -38.27 4.53
C GLY B 211 32.53 -37.36 5.74
N LEU B 212 31.38 -37.11 6.36
CA LEU B 212 31.31 -36.26 7.53
C LEU B 212 31.48 -37.05 8.82
N CYS B 213 32.07 -36.41 9.82
CA CYS B 213 32.12 -37.01 11.13
C CYS B 213 30.72 -37.03 11.75
N GLY B 214 30.58 -37.82 12.81
CA GLY B 214 29.27 -38.03 13.39
C GLY B 214 28.61 -36.76 13.89
N LEU B 215 29.38 -35.87 14.51
CA LEU B 215 28.82 -34.62 15.00
C LEU B 215 28.32 -33.75 13.86
N ASP B 216 29.11 -33.66 12.78
CA ASP B 216 28.69 -32.91 11.60
C ASP B 216 27.44 -33.52 10.99
N ARG B 217 27.45 -34.84 10.80
CA ARG B 217 26.29 -35.55 10.25
C ARG B 217 25.03 -35.24 11.05
N LYS B 218 25.14 -35.30 12.39
CA LYS B 218 23.98 -35.03 13.24
C LYS B 218 23.52 -33.58 13.10
N GLU B 219 24.47 -32.64 13.01
CA GLU B 219 24.09 -31.23 12.83
C GLU B 219 23.32 -31.03 11.53
N VAL B 220 23.82 -31.62 10.44
CA VAL B 220 23.16 -31.49 9.14
C VAL B 220 21.76 -32.09 9.20
N GLN B 221 21.61 -33.28 9.81
CA GLN B 221 20.27 -33.87 9.93
C GLN B 221 19.33 -32.96 10.71
N GLN B 222 19.79 -32.48 11.88
CA GLN B 222 18.97 -31.61 12.71
C GLN B 222 18.50 -30.39 11.94
N LEU B 223 19.44 -29.69 11.28
CA LEU B 223 19.08 -28.46 10.57
C LEU B 223 18.19 -28.75 9.37
N THR B 224 18.48 -29.82 8.63
CA THR B 224 17.62 -30.25 7.53
C THR B 224 16.17 -30.39 7.98
N VAL B 225 15.95 -31.18 9.03
CA VAL B 225 14.59 -31.37 9.53
C VAL B 225 14.00 -30.04 9.98
N LYS B 226 14.80 -29.21 10.66
CA LYS B 226 14.29 -27.94 11.17
C LYS B 226 13.85 -27.03 10.05
N HIS B 227 14.59 -27.01 8.93
CA HIS B 227 14.27 -26.12 7.81
C HIS B 227 13.43 -26.80 6.73
N GLY B 228 12.56 -27.73 7.10
CA GLY B 228 11.53 -28.21 6.20
C GLY B 228 11.94 -29.33 5.26
N GLY B 229 13.20 -29.73 5.27
CA GLY B 229 13.67 -30.78 4.39
C GLY B 229 13.55 -32.17 5.00
N GLN B 230 13.93 -33.17 4.22
CA GLN B 230 13.96 -34.55 4.63
C GLN B 230 15.40 -35.04 4.66
N TYR B 231 15.75 -35.82 5.67
CA TYR B 231 17.09 -36.40 5.81
C TYR B 231 17.06 -37.90 5.59
N MET B 232 18.10 -38.41 4.91
CA MET B 232 18.29 -39.85 4.73
C MET B 232 19.68 -40.25 5.18
N GLY B 233 19.75 -41.30 6.00
CA GLY B 233 21.04 -41.81 6.44
C GLY B 233 21.83 -42.50 5.36
N GLN B 234 21.16 -43.07 4.36
CA GLN B 234 21.84 -43.84 3.32
C GLN B 234 21.42 -43.33 1.94
N LEU B 235 22.41 -43.04 1.09
CA LEU B 235 22.14 -42.66 -0.28
C LEU B 235 21.35 -43.75 -0.99
N LYS B 236 20.20 -43.38 -1.52
CA LYS B 236 19.36 -44.29 -2.30
C LYS B 236 19.21 -43.76 -3.71
N MET B 237 18.86 -44.67 -4.60
CA MET B 237 18.52 -44.32 -5.97
C MET B 237 17.29 -43.41 -6.01
N ASN B 238 17.35 -42.37 -6.85
CA ASN B 238 16.22 -41.49 -7.11
C ASN B 238 15.70 -40.74 -5.89
N GLU B 239 15.61 -41.42 -4.73
CA GLU B 239 15.01 -40.82 -3.55
C GLU B 239 15.75 -39.57 -3.10
N CYS B 240 17.07 -39.60 -3.15
N CYS B 240 17.08 -39.58 -3.18
CA CYS B 240 17.88 -38.49 -2.66
CA CYS B 240 17.88 -38.48 -2.64
C CYS B 240 18.02 -37.42 -3.73
C CYS B 240 18.09 -37.42 -3.70
N THR B 241 17.83 -36.15 -3.34
CA THR B 241 18.02 -35.03 -4.26
C THR B 241 19.39 -34.40 -4.16
N HIS B 242 19.98 -34.36 -2.96
CA HIS B 242 21.29 -33.74 -2.75
C HIS B 242 22.16 -34.64 -1.89
N LEU B 243 23.36 -34.93 -2.37
CA LEU B 243 24.39 -35.57 -1.58
C LEU B 243 25.44 -34.54 -1.19
N ILE B 244 25.57 -34.28 0.10
CA ILE B 244 26.60 -33.38 0.59
C ILE B 244 27.90 -34.16 0.72
N VAL B 245 28.95 -33.67 0.06
CA VAL B 245 30.22 -34.39 -0.06
C VAL B 245 31.29 -33.39 -0.48
N GLN B 246 32.39 -33.33 0.29
CA GLN B 246 33.41 -32.31 0.08
C GLN B 246 34.40 -32.65 -1.03
N GLU B 247 34.78 -33.91 -1.16
CA GLU B 247 35.80 -34.31 -2.11
C GLU B 247 35.23 -35.33 -3.10
N PRO B 248 35.45 -35.15 -4.42
CA PRO B 248 34.80 -36.04 -5.39
C PRO B 248 35.49 -37.40 -5.47
N LYS B 249 35.28 -38.21 -4.44
CA LYS B 249 35.79 -39.58 -4.40
C LYS B 249 34.93 -40.41 -3.46
N GLY B 250 34.93 -41.72 -3.69
CA GLY B 250 34.18 -42.65 -2.89
C GLY B 250 33.01 -43.26 -3.67
N GLN B 251 32.54 -44.41 -3.18
CA GLN B 251 31.42 -45.06 -3.87
C GLN B 251 30.15 -44.21 -3.78
N LYS B 252 29.94 -43.53 -2.65
CA LYS B 252 28.77 -42.66 -2.53
C LYS B 252 28.80 -41.57 -3.60
N TYR B 253 29.95 -40.91 -3.78
CA TYR B 253 30.03 -39.85 -4.77
C TYR B 253 29.76 -40.39 -6.18
N GLU B 254 30.41 -41.50 -6.54
CA GLU B 254 30.29 -42.00 -7.90
C GLU B 254 28.88 -42.50 -8.19
N CYS B 255 28.25 -43.14 -7.20
CA CYS B 255 26.86 -43.57 -7.36
C CYS B 255 25.92 -42.38 -7.48
N ALA B 256 26.11 -41.36 -6.64
CA ALA B 256 25.31 -40.14 -6.76
C ALA B 256 25.47 -39.52 -8.14
N LYS B 257 26.68 -39.58 -8.71
CA LYS B 257 26.90 -39.03 -10.04
C LYS B 257 26.14 -39.81 -11.09
N ARG B 258 26.30 -41.14 -11.11
CA ARG B 258 25.59 -41.90 -12.13
C ARG B 258 24.12 -42.14 -11.79
N TRP B 259 23.60 -41.49 -10.75
CA TRP B 259 22.16 -41.31 -10.59
C TRP B 259 21.73 -39.86 -10.78
N ASN B 260 22.65 -39.00 -11.23
CA ASN B 260 22.38 -37.58 -11.50
C ASN B 260 21.77 -36.88 -10.29
N VAL B 261 22.33 -37.15 -9.12
CA VAL B 261 22.00 -36.46 -7.88
C VAL B 261 22.98 -35.32 -7.70
N HIS B 262 22.48 -34.20 -7.20
CA HIS B 262 23.34 -33.05 -6.89
C HIS B 262 24.42 -33.42 -5.88
N CYS B 263 25.69 -33.21 -6.25
CA CYS B 263 26.80 -33.42 -5.33
C CYS B 263 27.35 -32.04 -4.98
N VAL B 264 27.05 -31.59 -3.77
CA VAL B 264 27.41 -30.25 -3.32
C VAL B 264 28.19 -30.36 -2.02
N THR B 265 28.85 -29.27 -1.65
CA THR B 265 29.61 -29.17 -0.41
C THR B 265 28.68 -28.80 0.74
N THR B 266 29.24 -28.76 1.95
CA THR B 266 28.48 -28.25 3.09
C THR B 266 28.23 -26.76 2.95
N GLN B 267 29.05 -26.06 2.18
CA GLN B 267 28.88 -24.62 2.02
C GLN B 267 27.56 -24.30 1.34
N TRP B 268 27.10 -25.18 0.46
CA TRP B 268 25.75 -25.06 -0.09
C TRP B 268 24.71 -25.07 1.03
N PHE B 269 24.83 -26.03 1.93
CA PHE B 269 23.86 -26.18 3.01
C PHE B 269 23.84 -24.96 3.92
N PHE B 270 25.01 -24.61 4.47
CA PHE B 270 25.05 -23.55 5.48
C PHE B 270 24.82 -22.18 4.85
N ASP B 271 25.33 -21.94 3.64
CA ASP B 271 24.98 -20.71 2.93
C ASP B 271 23.48 -20.62 2.73
N SER B 272 22.85 -21.72 2.30
CA SER B 272 21.40 -21.73 2.13
C SER B 272 20.68 -21.35 3.42
N ILE B 273 21.14 -21.86 4.56
CA ILE B 273 20.53 -21.46 5.83
C ILE B 273 20.76 -19.98 6.10
N GLU B 274 22.01 -19.51 5.95
CA GLU B 274 22.37 -18.15 6.31
C GLU B 274 21.61 -17.13 5.48
N LYS B 275 21.57 -17.32 4.16
CA LYS B 275 21.00 -16.35 3.24
C LYS B 275 19.49 -16.52 3.05
N GLY B 276 18.88 -17.51 3.67
CA GLY B 276 17.44 -17.62 3.72
C GLY B 276 16.74 -18.25 2.53
N PHE B 277 17.47 -18.88 1.61
CA PHE B 277 16.81 -19.63 0.55
C PHE B 277 17.76 -20.70 0.02
N CYS B 278 17.21 -21.65 -0.72
CA CYS B 278 17.98 -22.77 -1.26
C CYS B 278 18.86 -22.27 -2.39
N GLN B 279 20.17 -22.32 -2.18
CA GLN B 279 21.11 -21.71 -3.11
C GLN B 279 21.20 -22.49 -4.42
N ASP B 280 21.79 -21.84 -5.41
CA ASP B 280 22.02 -22.48 -6.71
C ASP B 280 23.04 -23.60 -6.55
N GLU B 281 22.63 -24.82 -6.90
CA GLU B 281 23.51 -25.99 -6.74
C GLU B 281 24.72 -25.93 -7.66
N SER B 282 24.61 -25.24 -8.80
CA SER B 282 25.67 -25.25 -9.79
C SER B 282 26.94 -24.55 -9.28
N ILE B 283 26.77 -23.58 -8.39
CA ILE B 283 27.90 -22.87 -7.81
C ILE B 283 28.67 -23.72 -6.81
N TYR B 284 28.05 -24.77 -6.26
CA TYR B 284 28.64 -25.56 -5.20
C TYR B 284 29.05 -26.96 -5.66
N LYS B 285 29.33 -27.16 -6.94
CA LYS B 285 29.61 -28.50 -7.42
C LYS B 285 30.95 -29.01 -6.86
N THR B 286 31.13 -30.33 -6.95
CA THR B 286 32.40 -30.95 -6.59
C THR B 286 32.87 -31.89 -7.71
N GLU C 3 1.98 13.44 38.91
CA GLU C 3 1.77 12.18 39.63
C GLU C 3 2.13 10.98 38.76
N GLU C 4 2.31 9.84 39.42
CA GLU C 4 2.56 8.57 38.75
C GLU C 4 1.84 7.47 39.50
N ILE C 5 1.13 6.61 38.76
CA ILE C 5 0.37 5.53 39.38
C ILE C 5 0.77 4.21 38.74
N PRO C 6 1.13 3.20 39.51
CA PRO C 6 1.55 1.93 38.93
C PRO C 6 0.36 1.11 38.45
N GLU C 7 0.67 0.12 37.62
CA GLU C 7 -0.35 -0.73 37.02
C GLU C 7 -1.01 -1.60 38.07
N PRO C 9 -1.82 -4.81 39.55
CA PRO C 9 -1.06 -6.06 39.41
C PRO C 9 -1.97 -7.25 39.10
N CYS C 10 -1.41 -8.25 38.43
CA CYS C 10 -2.16 -9.43 38.01
C CYS C 10 -2.83 -10.10 39.21
N GLU C 11 -4.00 -9.59 39.58
CA GLU C 11 -4.74 -10.04 40.77
C GLU C 11 -5.17 -11.51 40.65
#